data_5N53
#
_entry.id   5N53
#
_cell.length_a   43.353
_cell.length_b   45.323
_cell.length_c   55.255
_cell.angle_alpha   97.900
_cell.angle_beta   110.060
_cell.angle_gamma   106.350
#
_symmetry.space_group_name_H-M   'P 1'
#
loop_
_entity.id
_entity.type
_entity.pdbx_description
1 polymer 'D-3-phosphoglycerate dehydrogenase'
2 non-polymer ~{N}-(3-chloranyl-4-methoxy-phenyl)ethanamide
3 water water
#
_entity_poly.entity_id   1
_entity_poly.type   'polypeptide(L)'
_entity_poly.pdbx_seq_one_letter_code
;NGNSLSAAELTCGMIMCLARQIPQATASMKDGKWERKKFMGTELNGKTLGILGLGRIGREVATRMQSFGMKTIGYDPIIS
PEVSASFGVQQLPLEEIWPLCDFITVHTPLLPSTTGLLNDNTFAQCKKGVRVVNCARGGIVDEGALLRALQSGQCAGAAL
DVFTEEPPRDRALVDHENVISCPHLGASTKEAQSR
;
_entity_poly.pdbx_strand_id   B,A
#
loop_
_chem_comp.id
_chem_comp.type
_chem_comp.name
_chem_comp.formula
8NB non-polymer ~{N}-(3-chloranyl-4-methoxy-phenyl)ethanamide 'C9 H10 Cl N O2'
#
# COMPACT_ATOMS: atom_id res chain seq x y z
N ASN A 1 -9.19 17.53 -6.72
CA ASN A 1 -10.66 17.57 -6.41
C ASN A 1 -11.35 16.26 -6.90
N GLY A 2 -11.73 16.20 -8.19
CA GLY A 2 -11.86 14.94 -8.90
C GLY A 2 -10.67 14.01 -8.66
N ASN A 3 -9.43 14.55 -8.62
CA ASN A 3 -8.24 13.69 -8.41
C ASN A 3 -7.78 13.58 -6.90
N SER A 4 -8.53 14.17 -5.96
CA SER A 4 -8.16 14.13 -4.54
C SER A 4 -7.99 12.72 -4.02
N LEU A 5 -8.93 11.86 -4.37
CA LEU A 5 -8.88 10.46 -3.92
C LEU A 5 -7.75 9.70 -4.55
N SER A 6 -7.48 9.95 -5.82
CA SER A 6 -6.32 9.35 -6.47
C SER A 6 -5.00 9.65 -5.78
N ALA A 7 -4.84 10.90 -5.40
CA ALA A 7 -3.66 11.33 -4.67
C ALA A 7 -3.56 10.74 -3.29
N ALA A 8 -4.65 10.82 -2.54
CA ALA A 8 -4.71 10.25 -1.20
C ALA A 8 -4.41 8.73 -1.25
N GLU A 9 -4.99 8.06 -2.24
CA GLU A 9 -4.75 6.59 -2.32
C GLU A 9 -3.25 6.30 -2.58
N LEU A 10 -2.61 7.05 -3.51
CA LEU A 10 -1.16 6.84 -3.78
C LEU A 10 -0.37 7.04 -2.50
N THR A 11 -0.67 8.16 -1.79
CA THR A 11 -0.02 8.45 -0.53
C THR A 11 -0.09 7.31 0.48
N CYS A 12 -1.29 6.71 0.64
CA CYS A 12 -1.48 5.64 1.58
C CYS A 12 -0.72 4.40 1.10
N GLY A 13 -0.73 4.19 -0.23
CA GLY A 13 0.15 3.08 -0.78
C GLY A 13 1.59 3.21 -0.44
N MET A 14 2.06 4.48 -0.55
N MET A 14 2.06 4.48 -0.55
CA MET A 14 3.48 4.76 -0.26
CA MET A 14 3.48 4.77 -0.25
C MET A 14 3.78 4.57 1.21
C MET A 14 3.78 4.58 1.22
N ILE A 15 2.86 4.94 2.11
CA ILE A 15 3.07 4.73 3.53
C ILE A 15 3.26 3.18 3.78
N MET A 16 2.31 2.37 3.26
N MET A 16 2.33 2.37 3.24
CA MET A 16 2.41 0.91 3.40
CA MET A 16 2.45 0.91 3.35
C MET A 16 3.69 0.35 2.80
C MET A 16 3.73 0.36 2.81
N CYS A 17 4.10 0.83 1.63
CA CYS A 17 5.42 0.44 1.03
C CYS A 17 6.59 0.81 1.90
N LEU A 18 6.55 1.98 2.59
CA LEU A 18 7.64 2.34 3.51
C LEU A 18 7.67 1.40 4.72
N ALA A 19 6.51 0.99 5.21
CA ALA A 19 6.43 0.20 6.40
C ALA A 19 6.92 -1.23 6.13
N ARG A 20 6.68 -1.70 4.93
CA ARG A 20 7.02 -3.11 4.61
C ARG A 20 8.01 -3.34 3.51
N GLN A 21 8.50 -2.30 2.89
CA GLN A 21 9.49 -2.36 1.82
C GLN A 21 9.14 -3.26 0.65
N ILE A 22 7.89 -3.17 0.25
CA ILE A 22 7.35 -4.01 -0.81
C ILE A 22 8.07 -3.81 -2.14
N PRO A 23 8.39 -2.55 -2.53
CA PRO A 23 9.10 -2.41 -3.80
C PRO A 23 10.52 -3.05 -3.86
N GLN A 24 11.25 -2.94 -2.76
CA GLN A 24 12.63 -3.42 -2.59
C GLN A 24 12.53 -4.98 -2.53
N ALA A 25 11.49 -5.46 -1.82
CA ALA A 25 11.29 -6.98 -1.70
C ALA A 25 11.01 -7.55 -3.08
N THR A 26 10.15 -6.94 -3.86
CA THR A 26 9.88 -7.34 -5.22
C THR A 26 11.14 -7.40 -6.10
N ALA A 27 11.92 -6.35 -6.06
CA ALA A 27 13.20 -6.32 -6.77
C ALA A 27 14.17 -7.47 -6.33
N SER A 28 14.27 -7.68 -5.03
CA SER A 28 15.03 -8.81 -4.44
C SER A 28 14.54 -10.14 -5.04
N MET A 29 13.22 -10.37 -4.97
CA MET A 29 12.65 -11.59 -5.54
C MET A 29 12.94 -11.76 -7.03
N LYS A 30 12.83 -10.71 -7.81
CA LYS A 30 13.08 -10.76 -9.24
C LYS A 30 14.53 -10.97 -9.62
N ASP A 31 15.42 -10.68 -8.68
N ASP A 31 15.43 -10.68 -8.66
CA ASP A 31 16.84 -10.96 -8.85
CA ASP A 31 16.85 -10.96 -8.79
C ASP A 31 17.19 -12.34 -8.30
C ASP A 31 17.20 -12.36 -8.29
N GLY A 32 16.18 -13.14 -7.96
CA GLY A 32 16.35 -14.59 -7.65
C GLY A 32 16.68 -14.80 -6.18
N LYS A 33 16.58 -13.72 -5.38
CA LYS A 33 16.94 -13.79 -4.00
C LYS A 33 15.75 -14.02 -3.08
N TRP A 34 15.99 -14.57 -1.89
CA TRP A 34 14.95 -14.79 -0.87
C TRP A 34 15.52 -14.25 0.45
N GLU A 35 15.20 -13.00 0.74
CA GLU A 35 15.93 -12.16 1.76
C GLU A 35 15.00 -11.77 2.88
N ARG A 36 14.66 -12.76 3.72
CA ARG A 36 13.63 -12.49 4.75
C ARG A 36 14.11 -11.51 5.85
N LYS A 37 15.33 -11.70 6.35
CA LYS A 37 15.82 -10.83 7.44
C LYS A 37 15.98 -9.36 6.99
N LYS A 38 16.57 -9.17 5.81
CA LYS A 38 16.67 -7.85 5.18
C LYS A 38 15.39 -6.98 5.19
N PHE A 39 14.20 -7.56 5.00
CA PHE A 39 12.99 -6.78 4.80
C PHE A 39 11.96 -6.99 5.94
N MET A 40 12.49 -7.22 7.15
CA MET A 40 11.77 -6.97 8.43
C MET A 40 11.14 -5.57 8.51
N GLY A 41 9.86 -5.56 8.79
CA GLY A 41 9.00 -4.41 8.69
C GLY A 41 8.53 -3.80 9.98
N THR A 42 7.63 -2.85 9.82
CA THR A 42 6.97 -2.20 10.93
C THR A 42 5.45 -2.24 10.74
N GLU A 43 4.77 -2.46 11.86
CA GLU A 43 3.33 -2.43 11.93
C GLU A 43 2.92 -0.96 12.01
N LEU A 44 1.94 -0.58 11.23
CA LEU A 44 1.28 0.76 11.30
C LEU A 44 0.43 1.02 12.50
N ASN A 45 -0.29 0.02 12.97
CA ASN A 45 -1.18 0.19 14.09
C ASN A 45 -0.44 0.76 15.29
N GLY A 46 -1.00 1.81 15.93
CA GLY A 46 -0.35 2.46 17.07
C GLY A 46 0.68 3.50 16.75
N LYS A 47 1.09 3.61 15.48
N LYS A 47 1.09 3.61 15.48
CA LYS A 47 2.13 4.58 15.10
CA LYS A 47 2.13 4.58 15.10
C LYS A 47 1.47 5.92 14.85
C LYS A 47 1.47 5.92 14.85
N THR A 48 2.27 6.98 14.94
CA THR A 48 1.81 8.35 14.70
C THR A 48 2.21 8.83 13.33
N LEU A 49 1.21 9.31 12.61
CA LEU A 49 1.35 9.91 11.30
C LEU A 49 1.13 11.43 11.45
N GLY A 50 2.10 12.16 10.93
CA GLY A 50 1.96 13.63 10.89
C GLY A 50 1.59 14.05 9.50
N ILE A 51 0.53 14.86 9.40
CA ILE A 51 0.05 15.30 8.10
C ILE A 51 0.25 16.85 8.02
N LEU A 52 1.06 17.29 7.08
CA LEU A 52 1.32 18.77 6.98
C LEU A 52 0.52 19.19 5.78
N GLY A 53 -0.56 19.96 6.06
CA GLY A 53 -1.53 20.28 5.06
C GLY A 53 -2.80 19.47 5.22
N LEU A 54 -3.88 20.09 5.68
CA LEU A 54 -5.13 19.45 6.04
C LEU A 54 -6.30 19.90 5.16
N GLY A 55 -6.02 20.14 3.87
CA GLY A 55 -7.04 20.20 2.84
C GLY A 55 -7.61 18.84 2.49
N ARG A 56 -8.33 18.76 1.37
CA ARG A 56 -9.12 17.60 1.02
C ARG A 56 -8.18 16.40 1.00
N ILE A 57 -6.99 16.55 0.42
CA ILE A 57 -6.16 15.34 0.25
C ILE A 57 -5.68 14.84 1.60
N GLY A 58 -5.12 15.72 2.39
CA GLY A 58 -4.66 15.40 3.72
C GLY A 58 -5.70 14.77 4.61
N ARG A 59 -6.96 15.24 4.49
CA ARG A 59 -8.07 14.70 5.27
C ARG A 59 -8.43 13.25 4.83
N GLU A 60 -8.39 13.00 3.53
N GLU A 60 -8.40 13.00 3.52
CA GLU A 60 -8.70 11.68 3.01
CA GLU A 60 -8.73 11.70 2.99
C GLU A 60 -7.62 10.70 3.38
C GLU A 60 -7.63 10.70 3.38
N VAL A 61 -6.38 11.15 3.35
CA VAL A 61 -5.29 10.37 3.88
C VAL A 61 -5.56 10.01 5.37
N ALA A 62 -5.92 10.98 6.16
CA ALA A 62 -6.14 10.80 7.56
C ALA A 62 -7.16 9.74 7.84
N THR A 63 -8.31 9.79 7.16
CA THR A 63 -9.36 8.83 7.50
C THR A 63 -8.99 7.40 7.05
N ARG A 64 -8.29 7.26 5.94
CA ARG A 64 -7.79 5.93 5.50
C ARG A 64 -6.81 5.39 6.51
N MET A 65 -5.86 6.26 6.97
CA MET A 65 -4.81 5.71 7.86
C MET A 65 -5.31 5.49 9.30
N GLN A 66 -6.38 6.19 9.69
CA GLN A 66 -7.07 5.95 10.98
C GLN A 66 -7.61 4.50 11.04
N SER A 67 -8.06 4.01 9.88
CA SER A 67 -8.55 2.58 9.81
C SER A 67 -7.46 1.55 10.12
N PHE A 68 -6.20 1.93 9.95
CA PHE A 68 -5.06 1.09 10.33
C PHE A 68 -4.63 1.23 11.79
N GLY A 69 -5.31 2.09 12.53
CA GLY A 69 -4.94 2.33 13.89
C GLY A 69 -3.82 3.36 14.06
N MET A 70 -3.51 4.12 13.01
CA MET A 70 -2.57 5.28 13.17
C MET A 70 -3.19 6.46 13.92
N LYS A 71 -2.38 7.06 14.78
N LYS A 71 -2.39 7.07 14.79
CA LYS A 71 -2.72 8.31 15.43
CA LYS A 71 -2.73 8.33 15.42
C LYS A 71 -2.37 9.42 14.43
C LYS A 71 -2.37 9.42 14.43
N THR A 72 -3.33 10.26 14.10
CA THR A 72 -3.13 11.28 13.08
C THR A 72 -3.12 12.66 13.71
N ILE A 73 -1.98 13.33 13.55
CA ILE A 73 -1.77 14.68 14.02
C ILE A 73 -1.36 15.51 12.80
N GLY A 74 -1.41 16.83 12.93
CA GLY A 74 -1.06 17.59 11.76
C GLY A 74 -1.01 19.08 12.01
N TYR A 75 -0.71 19.79 10.94
CA TYR A 75 -0.48 21.26 10.97
C TYR A 75 -1.05 21.82 9.70
N ASP A 76 -1.73 22.96 9.82
CA ASP A 76 -2.13 23.72 8.69
C ASP A 76 -2.39 25.13 9.20
N PRO A 77 -1.82 26.16 8.56
CA PRO A 77 -1.99 27.51 9.08
C PRO A 77 -3.34 28.13 8.75
N ILE A 78 -4.11 27.51 7.87
CA ILE A 78 -5.34 28.08 7.36
C ILE A 78 -6.60 27.33 7.86
N ILE A 79 -6.55 26.00 7.98
CA ILE A 79 -7.69 25.16 8.43
C ILE A 79 -7.85 25.23 9.94
N SER A 80 -9.10 25.33 10.38
CA SER A 80 -9.32 25.53 11.81
C SER A 80 -9.21 24.19 12.53
N PRO A 81 -8.67 24.18 13.76
CA PRO A 81 -8.62 22.96 14.55
C PRO A 81 -9.95 22.18 14.73
N GLU A 82 -11.07 22.90 14.73
N GLU A 82 -11.09 22.88 14.74
CA GLU A 82 -12.36 22.31 14.84
CA GLU A 82 -12.38 22.22 14.83
C GLU A 82 -12.77 21.55 13.55
C GLU A 82 -12.76 21.51 13.54
N VAL A 83 -12.30 22.05 12.40
CA VAL A 83 -12.59 21.38 11.14
C VAL A 83 -11.77 20.08 11.13
N SER A 84 -10.48 20.21 11.45
CA SER A 84 -9.61 19.03 11.45
C SER A 84 -10.00 18.00 12.50
N ALA A 85 -10.40 18.43 13.68
CA ALA A 85 -11.00 17.54 14.68
C ALA A 85 -12.14 16.68 14.14
N SER A 86 -12.96 17.25 13.25
CA SER A 86 -14.12 16.52 12.64
C SER A 86 -13.73 15.36 11.77
N PHE A 87 -12.48 15.40 11.25
CA PHE A 87 -11.94 14.22 10.60
C PHE A 87 -10.76 13.63 11.35
N GLY A 88 -10.77 13.76 12.67
CA GLY A 88 -9.92 12.98 13.53
C GLY A 88 -8.47 13.40 13.60
N VAL A 89 -8.12 14.62 13.19
CA VAL A 89 -6.72 15.05 13.22
C VAL A 89 -6.58 16.12 14.29
N GLN A 90 -5.67 15.82 15.23
CA GLN A 90 -5.22 16.75 16.24
C GLN A 90 -4.25 17.73 15.61
N GLN A 91 -4.68 18.99 15.53
CA GLN A 91 -3.79 20.06 15.10
C GLN A 91 -2.88 20.52 16.23
N LEU A 92 -1.58 20.67 15.91
CA LEU A 92 -0.57 21.15 16.84
C LEU A 92 0.31 22.14 16.09
N PRO A 93 0.97 23.03 16.85
CA PRO A 93 2.07 23.74 16.23
C PRO A 93 3.18 22.92 15.58
N LEU A 94 3.78 23.43 14.52
CA LEU A 94 4.83 22.67 13.82
C LEU A 94 5.93 22.15 14.73
N GLU A 95 6.47 23.00 15.59
CA GLU A 95 7.50 22.54 16.52
C GLU A 95 7.10 21.32 17.43
N GLU A 96 5.80 21.06 17.65
CA GLU A 96 5.34 19.92 18.43
C GLU A 96 5.24 18.67 17.60
N ILE A 97 5.09 18.86 16.27
CA ILE A 97 4.78 17.73 15.40
C ILE A 97 6.02 16.86 15.27
N TRP A 98 7.16 17.48 14.94
CA TRP A 98 8.37 16.74 14.50
C TRP A 98 8.78 15.65 15.43
N PRO A 99 8.92 15.91 16.73
CA PRO A 99 9.37 14.85 17.61
C PRO A 99 8.44 13.63 17.81
N LEU A 100 7.17 13.74 17.40
CA LEU A 100 6.16 12.71 17.69
C LEU A 100 6.00 11.67 16.58
N CYS A 101 6.45 11.99 15.40
CA CYS A 101 5.93 11.34 14.22
C CYS A 101 6.75 10.15 13.90
N ASP A 102 6.09 9.03 13.63
CA ASP A 102 6.80 7.90 13.00
C ASP A 102 6.87 8.03 11.48
N PHE A 103 5.80 8.58 10.93
CA PHE A 103 5.67 8.85 9.53
C PHE A 103 5.27 10.34 9.39
N ILE A 104 5.78 11.00 8.37
CA ILE A 104 5.32 12.37 7.99
C ILE A 104 4.94 12.37 6.50
N THR A 105 3.79 12.95 6.18
CA THR A 105 3.36 13.10 4.81
C THR A 105 2.98 14.59 4.57
N VAL A 106 3.31 15.07 3.40
CA VAL A 106 3.05 16.50 3.06
C VAL A 106 1.96 16.62 2.03
N HIS A 107 1.07 17.61 2.23
CA HIS A 107 -0.07 17.81 1.38
C HIS A 107 -0.38 19.32 1.25
N THR A 108 0.65 20.05 0.89
CA THR A 108 0.57 21.51 0.75
C THR A 108 0.86 21.89 -0.65
N PRO A 109 0.52 23.18 -0.97
CA PRO A 109 1.04 23.70 -2.19
C PRO A 109 2.58 23.93 -2.10
N LEU A 110 3.19 24.28 -3.22
CA LEU A 110 4.58 24.80 -3.24
C LEU A 110 4.57 26.35 -3.16
N LEU A 111 4.96 26.84 -1.98
CA LEU A 111 5.00 28.31 -1.66
C LEU A 111 6.34 28.58 -1.05
N PRO A 112 6.73 29.87 -0.91
CA PRO A 112 8.00 30.06 -0.23
C PRO A 112 8.01 29.41 1.18
N SER A 113 6.90 29.52 1.88
CA SER A 113 6.77 28.99 3.22
C SER A 113 6.71 27.47 3.35
N THR A 114 6.54 26.78 2.22
CA THR A 114 6.56 25.32 2.23
C THR A 114 7.71 24.71 1.46
N THR A 115 8.54 25.53 0.83
CA THR A 115 9.69 25.04 0.15
C THR A 115 10.76 24.66 1.19
N GLY A 116 11.21 23.41 1.18
CA GLY A 116 12.05 22.94 2.27
C GLY A 116 11.44 22.92 3.65
N LEU A 117 10.12 22.72 3.73
CA LEU A 117 9.43 22.50 4.98
C LEU A 117 10.11 21.41 5.80
N LEU A 118 10.46 20.31 5.13
N LEU A 118 10.45 20.30 5.13
CA LEU A 118 11.40 19.30 5.68
CA LEU A 118 11.38 19.27 5.70
C LEU A 118 12.79 19.60 5.19
C LEU A 118 12.79 19.59 5.19
N ASN A 119 13.67 20.00 6.10
CA ASN A 119 15.04 20.37 5.73
C ASN A 119 15.97 19.91 6.82
N ASP A 120 17.24 20.37 6.80
CA ASP A 120 18.20 19.81 7.77
C ASP A 120 17.72 20.13 9.18
N ASN A 121 17.29 21.40 9.36
CA ASN A 121 16.74 21.83 10.63
C ASN A 121 15.54 21.09 11.23
N THR A 122 14.57 20.76 10.37
CA THR A 122 13.41 20.02 10.83
C THR A 122 13.62 18.51 10.91
N PHE A 123 14.42 17.93 10.01
CA PHE A 123 14.88 16.51 10.21
C PHE A 123 15.60 16.34 11.53
N ALA A 124 16.40 17.36 11.94
CA ALA A 124 17.06 17.22 13.21
C ALA A 124 16.13 17.13 14.41
N GLN A 125 14.88 17.59 14.27
CA GLN A 125 13.89 17.59 15.32
C GLN A 125 12.95 16.35 15.34
N CYS A 126 13.08 15.58 14.29
CA CYS A 126 12.30 14.34 14.12
C CYS A 126 12.82 13.25 15.03
N LYS A 127 11.97 12.27 15.23
CA LYS A 127 12.35 11.02 15.90
C LYS A 127 13.32 10.30 14.96
N LYS A 128 14.39 9.76 15.51
CA LYS A 128 15.34 8.95 14.70
C LYS A 128 14.59 7.77 14.05
N GLY A 129 14.79 7.59 12.76
CA GLY A 129 14.03 6.53 12.02
C GLY A 129 12.77 7.01 11.38
N VAL A 130 12.50 8.31 11.35
CA VAL A 130 11.29 8.77 10.73
C VAL A 130 11.23 8.44 9.24
N ARG A 131 10.01 8.14 8.77
CA ARG A 131 9.79 7.84 7.38
C ARG A 131 8.93 8.92 6.78
N VAL A 132 9.23 9.29 5.54
N VAL A 132 9.24 9.33 5.55
CA VAL A 132 8.68 10.53 4.97
CA VAL A 132 8.55 10.53 5.02
C VAL A 132 8.06 10.25 3.60
C VAL A 132 8.03 10.24 3.60
N VAL A 133 6.90 10.86 3.31
CA VAL A 133 6.28 10.73 2.02
C VAL A 133 6.07 12.16 1.41
N ASN A 134 6.36 12.27 0.13
CA ASN A 134 5.95 13.42 -0.67
C ASN A 134 5.34 13.02 -2.01
N CYS A 135 4.01 13.05 -2.01
CA CYS A 135 3.22 12.87 -3.20
C CYS A 135 2.50 14.19 -3.60
N ALA A 136 3.04 15.36 -3.14
CA ALA A 136 2.39 16.64 -3.31
C ALA A 136 3.10 17.53 -4.36
N ARG A 137 4.25 18.10 -4.02
CA ARG A 137 5.00 18.98 -4.92
C ARG A 137 6.49 18.84 -4.66
N GLY A 138 7.28 18.76 -5.74
CA GLY A 138 8.69 18.54 -5.63
C GLY A 138 9.28 19.83 -5.01
N GLY A 139 10.06 19.64 -3.96
CA GLY A 139 10.66 20.76 -3.26
C GLY A 139 10.14 21.02 -1.88
N ILE A 140 8.98 20.50 -1.52
CA ILE A 140 8.50 20.62 -0.18
C ILE A 140 9.49 20.01 0.80
N VAL A 141 9.98 18.82 0.40
CA VAL A 141 11.06 18.15 1.10
C VAL A 141 12.38 18.57 0.39
N ASP A 142 13.29 19.18 1.14
CA ASP A 142 14.59 19.50 0.60
C ASP A 142 15.37 18.23 0.30
N GLU A 143 15.68 18.10 -0.98
CA GLU A 143 16.29 16.83 -1.48
C GLU A 143 17.69 16.54 -0.95
N GLY A 144 18.49 17.59 -0.72
CA GLY A 144 19.83 17.35 -0.14
C GLY A 144 19.74 17.01 1.31
N ALA A 145 18.79 17.63 2.02
CA ALA A 145 18.63 17.35 3.46
C ALA A 145 18.16 15.92 3.63
N LEU A 146 17.19 15.53 2.79
CA LEU A 146 16.64 14.17 2.80
C LEU A 146 17.68 13.14 2.55
N LEU A 147 18.52 13.38 1.57
CA LEU A 147 19.65 12.48 1.34
C LEU A 147 20.58 12.37 2.58
N ARG A 148 20.97 13.52 3.17
CA ARG A 148 21.80 13.49 4.40
C ARG A 148 21.11 12.75 5.53
N ALA A 149 19.78 12.93 5.66
CA ALA A 149 19.07 12.18 6.72
C ALA A 149 18.99 10.68 6.52
N LEU A 150 18.82 10.27 5.26
CA LEU A 150 18.92 8.87 4.89
C LEU A 150 20.30 8.31 5.17
N GLN A 151 21.34 9.06 4.85
CA GLN A 151 22.71 8.54 5.03
C GLN A 151 23.10 8.37 6.49
N SER A 152 22.61 9.23 7.37
CA SER A 152 22.80 9.09 8.79
C SER A 152 21.86 8.12 9.48
N GLY A 153 20.70 7.84 8.85
CA GLY A 153 19.70 6.99 9.51
C GLY A 153 18.71 7.84 10.32
N GLN A 154 18.89 9.15 10.40
CA GLN A 154 17.84 10.00 10.95
C GLN A 154 16.48 9.75 10.27
N CYS A 155 16.52 9.60 8.97
CA CYS A 155 15.35 9.21 8.14
C CYS A 155 15.59 7.71 7.73
N ALA A 156 14.66 6.79 8.06
CA ALA A 156 14.78 5.39 7.69
C ALA A 156 14.29 5.07 6.32
N GLY A 157 13.52 5.97 5.71
CA GLY A 157 13.08 5.75 4.33
C GLY A 157 12.22 6.86 3.83
N ALA A 158 12.13 6.96 2.52
CA ALA A 158 11.31 8.01 1.90
C ALA A 158 10.65 7.51 0.63
N ALA A 159 9.43 7.97 0.44
CA ALA A 159 8.65 7.69 -0.77
C ALA A 159 8.37 8.99 -1.52
N LEU A 160 8.87 9.09 -2.76
CA LEU A 160 8.73 10.32 -3.55
C LEU A 160 8.02 10.10 -4.86
N ASP A 161 6.90 10.79 -5.06
CA ASP A 161 6.23 10.86 -6.36
C ASP A 161 6.67 12.05 -7.18
N VAL A 162 7.27 13.03 -6.50
CA VAL A 162 7.56 14.35 -7.10
C VAL A 162 8.99 14.78 -6.73
N PHE A 163 9.54 15.60 -7.62
CA PHE A 163 10.96 16.03 -7.52
C PHE A 163 11.11 17.50 -7.94
N THR A 164 12.15 18.15 -7.44
CA THR A 164 12.48 19.55 -7.76
C THR A 164 12.67 19.71 -9.26
N GLU A 165 13.28 18.70 -9.87
CA GLU A 165 13.37 18.59 -11.32
C GLU A 165 12.77 17.29 -11.75
N GLU A 166 12.02 17.30 -12.85
CA GLU A 166 11.33 16.10 -13.35
C GLU A 166 11.56 15.85 -14.85
N PRO A 167 12.17 14.74 -15.25
CA PRO A 167 12.78 13.73 -14.35
C PRO A 167 13.98 14.27 -13.60
N PRO A 168 14.30 13.67 -12.44
CA PRO A 168 15.39 14.24 -11.65
C PRO A 168 16.77 13.98 -12.26
N ARG A 169 17.56 15.06 -12.39
CA ARG A 169 18.90 14.98 -13.00
C ARG A 169 19.82 14.29 -11.98
N ASP A 170 19.71 14.68 -10.70
CA ASP A 170 20.42 14.05 -9.61
C ASP A 170 19.74 12.74 -9.21
N ARG A 171 20.56 11.73 -9.00
CA ARG A 171 20.15 10.32 -8.94
C ARG A 171 20.35 9.68 -7.54
N ALA A 172 21.08 10.40 -6.69
CA ALA A 172 21.45 9.96 -5.35
C ALA A 172 20.25 9.49 -4.51
N LEU A 173 19.18 10.27 -4.52
CA LEU A 173 17.95 9.91 -3.79
C LEU A 173 17.23 8.70 -4.35
N VAL A 174 16.91 8.72 -5.65
CA VAL A 174 16.29 7.60 -6.35
C VAL A 174 17.07 6.33 -6.10
N ASP A 175 18.39 6.45 -6.19
CA ASP A 175 19.24 5.25 -6.13
C ASP A 175 19.40 4.70 -4.71
N HIS A 176 18.98 5.43 -3.68
CA HIS A 176 19.19 4.97 -2.31
C HIS A 176 18.26 3.78 -1.99
N GLU A 177 18.79 2.77 -1.27
CA GLU A 177 18.08 1.53 -0.98
C GLU A 177 16.79 1.76 -0.20
N ASN A 178 16.71 2.85 0.55
CA ASN A 178 15.54 3.10 1.37
C ASN A 178 14.56 4.14 0.78
N VAL A 179 14.73 4.44 -0.50
CA VAL A 179 13.86 5.40 -1.20
C VAL A 179 13.06 4.62 -2.21
N ILE A 180 11.73 4.79 -2.11
CA ILE A 180 10.80 4.31 -3.11
C ILE A 180 10.32 5.49 -3.93
N SER A 181 10.05 5.26 -5.20
CA SER A 181 9.63 6.33 -6.07
C SER A 181 8.84 5.95 -7.29
N CYS A 182 8.14 6.95 -7.81
CA CYS A 182 7.25 6.88 -8.95
C CYS A 182 7.49 8.13 -9.82
N PRO A 183 7.25 8.02 -11.14
CA PRO A 183 7.33 9.19 -12.03
C PRO A 183 6.06 10.10 -12.01
N HIS A 184 5.78 10.73 -10.86
CA HIS A 184 4.64 11.63 -10.74
C HIS A 184 3.29 11.01 -11.15
N LEU A 185 3.02 9.87 -10.53
CA LEU A 185 1.77 9.15 -10.76
C LEU A 185 0.52 9.55 -9.89
N GLY A 186 0.59 10.62 -9.05
CA GLY A 186 -0.55 11.00 -8.16
C GLY A 186 -1.98 11.07 -8.76
N ALA A 187 -2.12 11.65 -9.96
CA ALA A 187 -3.43 11.81 -10.63
C ALA A 187 -3.66 10.77 -11.73
N SER A 188 -2.74 9.81 -11.88
CA SER A 188 -2.70 8.93 -13.02
C SER A 188 -3.53 7.67 -12.69
N THR A 189 -4.85 7.87 -12.64
CA THR A 189 -5.81 6.79 -12.66
C THR A 189 -6.79 7.00 -13.84
N LYS A 190 -7.44 5.92 -14.22
CA LYS A 190 -8.43 5.95 -15.28
C LYS A 190 -9.60 6.86 -14.84
N GLU A 191 -9.97 6.72 -13.57
CA GLU A 191 -11.09 7.42 -12.95
C GLU A 191 -10.87 8.97 -12.83
N ALA A 192 -9.71 9.38 -12.25
CA ALA A 192 -9.34 10.80 -12.23
C ALA A 192 -9.36 11.33 -13.66
N GLN A 193 -8.79 10.56 -14.60
CA GLN A 193 -8.70 11.08 -16.00
C GLN A 193 -10.03 11.24 -16.71
N SER A 194 -10.81 10.16 -16.70
CA SER A 194 -12.04 10.06 -17.45
C SER A 194 -13.08 10.39 -16.41
N ARG A 195 -13.39 11.66 -16.30
CA ARG A 195 -14.51 12.16 -15.47
C ARG A 195 -15.87 11.51 -15.82
N ASN B 1 -2.61 -14.17 14.97
CA ASN B 1 -3.31 -13.63 16.18
C ASN B 1 -2.66 -12.32 16.69
N GLY B 2 -1.59 -12.44 17.49
CA GLY B 2 -0.56 -11.40 17.60
C GLY B 2 -0.14 -10.89 16.22
N ASN B 3 0.01 -11.78 15.23
CA ASN B 3 0.47 -11.39 13.88
C ASN B 3 -0.69 -11.13 12.86
N SER B 4 -1.96 -11.14 13.31
CA SER B 4 -3.11 -10.88 12.43
C SER B 4 -3.07 -9.53 11.74
N LEU B 5 -2.70 -8.50 12.51
CA LEU B 5 -2.60 -7.13 11.97
C LEU B 5 -1.43 -6.91 11.05
N SER B 6 -0.29 -7.53 11.35
CA SER B 6 0.84 -7.58 10.40
C SER B 6 0.49 -8.20 9.01
N ALA B 7 -0.19 -9.34 9.05
CA ALA B 7 -0.67 -9.95 7.81
C ALA B 7 -1.69 -9.14 7.02
N ALA B 8 -2.65 -8.65 7.76
CA ALA B 8 -3.67 -7.78 7.16
C ALA B 8 -3.06 -6.50 6.52
N GLU B 9 -2.08 -5.94 7.25
CA GLU B 9 -1.47 -4.74 6.74
C GLU B 9 -0.66 -5.00 5.46
N LEU B 10 0.10 -6.12 5.42
CA LEU B 10 0.78 -6.48 4.21
C LEU B 10 -0.19 -6.70 3.00
N THR B 11 -1.32 -7.37 3.28
CA THR B 11 -2.28 -7.58 2.27
C THR B 11 -2.88 -6.27 1.67
N CYS B 12 -3.18 -5.29 2.56
CA CYS B 12 -3.65 -4.02 2.12
C CYS B 12 -2.58 -3.33 1.28
N GLY B 13 -1.33 -3.41 1.79
CA GLY B 13 -0.23 -2.85 0.99
C GLY B 13 -0.09 -3.37 -0.42
N MET B 14 -0.25 -4.71 -0.51
N MET B 14 -0.22 -4.70 -0.50
CA MET B 14 -0.25 -5.37 -1.80
CA MET B 14 -0.25 -5.35 -1.79
C MET B 14 -1.40 -4.95 -2.74
C MET B 14 -1.39 -4.92 -2.72
N ILE B 15 -2.59 -4.74 -2.18
CA ILE B 15 -3.70 -4.27 -2.96
C ILE B 15 -3.41 -2.87 -3.55
N MET B 16 -2.91 -1.99 -2.69
N MET B 16 -2.90 -2.00 -2.67
CA MET B 16 -2.49 -0.65 -3.18
CA MET B 16 -2.43 -0.66 -3.16
C MET B 16 -1.38 -0.73 -4.25
C MET B 16 -1.39 -0.76 -4.25
N CYS B 17 -0.38 -1.59 -4.01
CA CYS B 17 0.70 -1.79 -4.99
C CYS B 17 0.20 -2.34 -6.32
N LEU B 18 -0.82 -3.20 -6.29
CA LEU B 18 -1.46 -3.68 -7.57
C LEU B 18 -2.22 -2.56 -8.29
N ALA B 19 -2.87 -1.72 -7.51
CA ALA B 19 -3.67 -0.66 -8.12
C ALA B 19 -2.80 0.38 -8.81
N ARG B 20 -1.63 0.67 -8.20
CA ARG B 20 -0.78 1.77 -8.73
C ARG B 20 0.59 1.36 -9.27
N GLN B 21 0.88 0.07 -9.23
CA GLN B 21 2.14 -0.48 -9.72
C GLN B 21 3.38 0.16 -9.15
N ILE B 22 3.35 0.41 -7.84
CA ILE B 22 4.44 1.07 -7.18
C ILE B 22 5.74 0.29 -7.30
N PRO B 23 5.73 -1.05 -7.09
CA PRO B 23 7.05 -1.70 -7.18
C PRO B 23 7.71 -1.61 -8.58
N GLN B 24 6.93 -1.74 -9.62
CA GLN B 24 7.37 -1.68 -10.99
C GLN B 24 7.83 -0.27 -11.32
N ALA B 25 7.10 0.69 -10.78
CA ALA B 25 7.47 2.13 -10.99
C ALA B 25 8.80 2.49 -10.31
N THR B 26 9.00 1.99 -9.10
CA THR B 26 10.28 2.13 -8.44
C THR B 26 11.45 1.50 -9.21
N ALA B 27 11.26 0.28 -9.68
CA ALA B 27 12.29 -0.38 -10.49
C ALA B 27 12.63 0.44 -11.75
N SER B 28 11.59 0.95 -12.42
CA SER B 28 11.72 1.79 -13.59
C SER B 28 12.58 3.04 -13.25
N MET B 29 12.23 3.70 -12.16
CA MET B 29 13.01 4.85 -11.70
C MET B 29 14.48 4.50 -11.39
N LYS B 30 14.70 3.39 -10.69
CA LYS B 30 16.05 2.96 -10.31
C LYS B 30 16.89 2.51 -11.48
N ASP B 31 16.25 2.17 -12.59
CA ASP B 31 16.94 1.86 -13.84
C ASP B 31 17.11 3.12 -14.71
N GLY B 32 16.82 4.30 -14.14
CA GLY B 32 17.14 5.60 -14.75
C GLY B 32 16.06 6.10 -15.69
N LYS B 33 14.91 5.44 -15.67
CA LYS B 33 13.83 5.72 -16.60
C LYS B 33 12.76 6.61 -15.97
N TRP B 34 11.98 7.30 -16.80
CA TRP B 34 10.84 8.12 -16.38
C TRP B 34 9.69 7.71 -17.33
N GLU B 35 8.84 6.80 -16.86
CA GLU B 35 7.84 6.12 -17.70
C GLU B 35 6.43 6.40 -17.21
N ARG B 36 5.94 7.61 -17.43
CA ARG B 36 4.63 7.99 -16.89
C ARG B 36 3.46 7.23 -17.49
N LYS B 37 3.42 7.15 -18.83
CA LYS B 37 2.27 6.52 -19.49
C LYS B 37 2.18 5.02 -19.14
N LYS B 38 3.31 4.34 -19.19
CA LYS B 38 3.44 2.94 -18.74
C LYS B 38 2.73 2.57 -17.41
N PHE B 39 2.73 3.43 -16.40
CA PHE B 39 2.22 3.06 -15.06
C PHE B 39 0.98 3.86 -14.63
N MET B 40 0.14 4.22 -15.62
CA MET B 40 -1.29 4.58 -15.40
C MET B 40 -2.05 3.57 -14.51
N GLY B 41 -2.70 4.06 -13.46
CA GLY B 41 -3.30 3.24 -12.39
C GLY B 41 -4.80 3.11 -12.34
N THR B 42 -5.25 2.49 -11.26
CA THR B 42 -6.67 2.39 -10.98
C THR B 42 -6.96 2.88 -9.55
N GLU B 43 -8.08 3.58 -9.45
CA GLU B 43 -8.61 4.08 -8.18
C GLU B 43 -9.33 2.95 -7.47
N LEU B 44 -9.08 2.78 -6.19
CA LEU B 44 -9.76 1.76 -5.31
C LEU B 44 -11.22 2.11 -4.95
N ASN B 45 -11.50 3.38 -4.77
CA ASN B 45 -12.80 3.78 -4.37
C ASN B 45 -13.88 3.33 -5.38
N GLY B 46 -14.95 2.72 -4.88
CA GLY B 46 -15.98 2.14 -5.73
C GLY B 46 -15.74 0.76 -6.31
N LYS B 47 -14.52 0.24 -6.17
N LYS B 47 -14.53 0.24 -6.12
CA LYS B 47 -14.19 -1.09 -6.72
CA LYS B 47 -14.17 -1.09 -6.63
C LYS B 47 -14.62 -2.15 -5.69
C LYS B 47 -14.59 -2.16 -5.65
N THR B 48 -14.83 -3.36 -6.20
CA THR B 48 -15.25 -4.52 -5.41
C THR B 48 -14.05 -5.41 -5.08
N LEU B 49 -13.89 -5.63 -3.80
CA LEU B 49 -12.90 -6.55 -3.27
C LEU B 49 -13.63 -7.81 -2.78
N GLY B 50 -13.18 -8.97 -3.30
CA GLY B 50 -13.65 -10.24 -2.81
C GLY B 50 -12.68 -10.82 -1.80
N ILE B 51 -13.18 -11.20 -0.67
CA ILE B 51 -12.38 -11.77 0.45
C ILE B 51 -12.78 -13.22 0.70
N LEU B 52 -11.92 -14.18 0.42
CA LEU B 52 -12.22 -15.61 0.60
C LEU B 52 -11.58 -16.05 1.89
N GLY B 53 -12.39 -16.22 2.93
CA GLY B 53 -11.94 -16.42 4.29
C GLY B 53 -12.14 -15.23 5.15
N LEU B 54 -13.15 -15.32 6.02
CA LEU B 54 -13.66 -14.21 6.79
C LEU B 54 -13.39 -14.36 8.27
N GLY B 55 -12.26 -15.01 8.58
CA GLY B 55 -11.70 -15.01 9.90
C GLY B 55 -11.03 -13.71 10.19
N ARG B 56 -10.23 -13.75 11.22
CA ARG B 56 -9.68 -12.56 11.77
C ARG B 56 -8.90 -11.70 10.76
N ILE B 57 -8.01 -12.31 10.00
CA ILE B 57 -7.19 -11.51 9.08
C ILE B 57 -8.06 -10.92 7.99
N GLY B 58 -8.93 -11.76 7.41
CA GLY B 58 -9.87 -11.32 6.38
C GLY B 58 -10.77 -10.17 6.82
N ARG B 59 -11.26 -10.22 8.06
N ARG B 59 -11.22 -10.25 8.08
CA ARG B 59 -12.12 -9.16 8.61
CA ARG B 59 -12.02 -9.21 8.79
C ARG B 59 -11.31 -7.83 8.73
C ARG B 59 -11.22 -7.87 8.95
N GLU B 60 -10.06 -7.94 9.17
N GLU B 60 -9.96 -7.93 9.33
CA GLU B 60 -9.21 -6.75 9.34
CA GLU B 60 -9.13 -6.72 9.33
C GLU B 60 -8.86 -6.12 8.01
C GLU B 60 -8.87 -6.11 7.97
N VAL B 61 -8.59 -6.95 7.00
CA VAL B 61 -8.46 -6.51 5.65
C VAL B 61 -9.73 -5.77 5.18
N ALA B 62 -10.90 -6.37 5.40
CA ALA B 62 -12.11 -5.75 5.03
C ALA B 62 -12.30 -4.35 5.58
N THR B 63 -12.10 -4.18 6.86
CA THR B 63 -12.42 -2.89 7.44
C THR B 63 -11.46 -1.75 7.05
N ARG B 64 -10.20 -2.10 6.91
CA ARG B 64 -9.29 -1.21 6.25
C ARG B 64 -9.67 -0.81 4.89
N MET B 65 -10.03 -1.78 4.02
CA MET B 65 -10.27 -1.45 2.62
C MET B 65 -11.62 -0.75 2.42
N GLN B 66 -12.51 -0.94 3.37
CA GLN B 66 -13.81 -0.21 3.39
C GLN B 66 -13.50 1.29 3.49
N SER B 67 -12.48 1.66 4.29
CA SER B 67 -12.13 3.11 4.38
C SER B 67 -11.67 3.73 3.07
N PHE B 68 -11.20 2.94 2.14
CA PHE B 68 -10.92 3.38 0.77
C PHE B 68 -12.13 3.41 -0.19
N GLY B 69 -13.30 3.06 0.34
CA GLY B 69 -14.51 3.00 -0.46
C GLY B 69 -14.63 1.77 -1.30
N MET B 70 -13.90 0.74 -0.96
CA MET B 70 -14.10 -0.51 -1.64
C MET B 70 -15.40 -1.19 -1.13
N LYS B 71 -16.10 -1.84 -2.06
N LYS B 71 -16.12 -1.82 -2.05
CA LYS B 71 -17.21 -2.70 -1.72
CA LYS B 71 -17.26 -2.68 -1.68
C LYS B 71 -16.63 -4.05 -1.36
C LYS B 71 -16.63 -4.02 -1.35
N THR B 72 -16.92 -4.53 -0.17
CA THR B 72 -16.29 -5.77 0.28
C THR B 72 -17.31 -6.88 0.28
N ILE B 73 -17.06 -7.92 -0.51
CA ILE B 73 -17.93 -9.11 -0.56
C ILE B 73 -17.06 -10.30 -0.19
N GLY B 74 -17.63 -11.48 0.07
CA GLY B 74 -16.72 -12.55 0.38
C GLY B 74 -17.43 -13.83 0.60
N TYR B 75 -16.65 -14.84 0.94
CA TYR B 75 -17.13 -16.18 1.08
C TYR B 75 -16.45 -16.80 2.28
N ASP B 76 -17.20 -17.61 3.03
CA ASP B 76 -16.64 -18.40 4.11
C ASP B 76 -17.64 -19.52 4.36
N PRO B 77 -17.16 -20.77 4.50
CA PRO B 77 -18.16 -21.86 4.70
C PRO B 77 -18.68 -21.99 6.14
N ILE B 78 -18.06 -21.29 7.09
CA ILE B 78 -18.42 -21.36 8.47
C ILE B 78 -19.16 -20.13 9.01
N ILE B 79 -18.67 -18.94 8.69
CA ILE B 79 -19.19 -17.71 9.27
C ILE B 79 -20.58 -17.41 8.67
N SER B 80 -21.49 -16.95 9.49
CA SER B 80 -22.86 -16.69 9.02
C SER B 80 -22.95 -15.33 8.30
N PRO B 81 -23.81 -15.22 7.29
CA PRO B 81 -23.95 -13.94 6.56
C PRO B 81 -24.34 -12.72 7.40
N GLU B 82 -25.06 -12.93 8.49
N GLU B 82 -25.19 -13.02 8.36
CA GLU B 82 -25.42 -11.82 9.37
CA GLU B 82 -25.47 -12.26 9.59
C GLU B 82 -24.21 -11.41 10.22
C GLU B 82 -24.28 -11.53 10.16
N VAL B 83 -23.30 -12.34 10.50
CA VAL B 83 -22.10 -11.95 11.24
C VAL B 83 -21.18 -11.11 10.34
N SER B 84 -20.92 -11.60 9.15
CA SER B 84 -20.10 -10.90 8.17
C SER B 84 -20.69 -9.56 7.82
N ALA B 85 -22.03 -9.46 7.69
CA ALA B 85 -22.67 -8.17 7.50
C ALA B 85 -22.30 -7.14 8.58
N SER B 86 -22.18 -7.59 9.80
CA SER B 86 -21.82 -6.70 10.90
C SER B 86 -20.42 -6.10 10.82
N PHE B 87 -19.52 -6.68 10.03
CA PHE B 87 -18.25 -6.01 9.66
C PHE B 87 -18.12 -5.69 8.18
N GLY B 88 -19.26 -5.47 7.57
CA GLY B 88 -19.33 -4.89 6.29
C GLY B 88 -19.05 -5.76 5.10
N VAL B 89 -19.08 -7.07 5.26
CA VAL B 89 -18.79 -7.92 4.14
C VAL B 89 -20.08 -8.64 3.76
N GLN B 90 -20.43 -8.47 2.49
CA GLN B 90 -21.64 -9.20 1.95
C GLN B 90 -21.23 -10.59 1.54
N GLN B 91 -21.82 -11.60 2.20
CA GLN B 91 -21.46 -12.97 1.83
C GLN B 91 -22.31 -13.50 0.74
N LEU B 92 -21.69 -14.19 -0.18
CA LEU B 92 -22.34 -14.82 -1.27
C LEU B 92 -21.75 -16.17 -1.48
N PRO B 93 -22.44 -17.00 -2.27
CA PRO B 93 -21.84 -18.25 -2.68
C PRO B 93 -20.63 -18.05 -3.57
N LEU B 94 -19.70 -18.99 -3.53
CA LEU B 94 -18.51 -18.81 -4.37
C LEU B 94 -18.77 -18.49 -5.83
N GLU B 95 -19.63 -19.28 -6.49
CA GLU B 95 -20.02 -18.97 -7.89
C GLU B 95 -20.53 -17.53 -8.17
N GLU B 96 -21.04 -16.82 -7.17
CA GLU B 96 -21.51 -15.44 -7.36
C GLU B 96 -20.39 -14.43 -7.23
N ILE B 97 -19.32 -14.86 -6.52
CA ILE B 97 -18.23 -13.95 -6.18
C ILE B 97 -17.42 -13.60 -7.41
N TRP B 98 -16.96 -14.62 -8.15
CA TRP B 98 -16.01 -14.43 -9.23
C TRP B 98 -16.33 -13.28 -10.18
N PRO B 99 -17.56 -13.25 -10.71
CA PRO B 99 -17.79 -12.27 -11.78
C PRO B 99 -17.92 -10.80 -11.32
N LEU B 100 -18.05 -10.58 -10.01
CA LEU B 100 -18.20 -9.22 -9.45
C LEU B 100 -16.87 -8.54 -9.01
N CYS B 101 -15.79 -9.29 -8.90
CA CYS B 101 -14.64 -8.75 -8.18
C CYS B 101 -13.70 -8.01 -9.10
N ASP B 102 -13.27 -6.82 -8.68
CA ASP B 102 -12.13 -6.22 -9.32
C ASP B 102 -10.77 -6.68 -8.71
N PHE B 103 -10.81 -6.94 -7.42
CA PHE B 103 -9.68 -7.48 -6.66
C PHE B 103 -10.18 -8.72 -5.87
N ILE B 104 -9.34 -9.78 -5.76
CA ILE B 104 -9.63 -10.97 -4.91
C ILE B 104 -8.45 -11.21 -3.96
N THR B 105 -8.71 -11.37 -2.69
CA THR B 105 -7.70 -11.65 -1.70
C THR B 105 -8.11 -12.94 -0.92
N VAL B 106 -7.14 -13.82 -0.64
CA VAL B 106 -7.41 -15.10 0.07
C VAL B 106 -6.88 -15.10 1.48
N HIS B 107 -7.64 -15.58 2.44
CA HIS B 107 -7.35 -15.63 3.84
C HIS B 107 -7.83 -16.89 4.55
N THR B 108 -7.38 -18.01 3.96
CA THR B 108 -7.79 -19.37 4.42
C THR B 108 -6.58 -20.15 4.81
N PRO B 109 -6.86 -21.28 5.52
CA PRO B 109 -5.85 -22.26 5.70
C PRO B 109 -5.64 -23.01 4.37
N LEU B 110 -4.60 -23.84 4.34
CA LEU B 110 -4.34 -24.74 3.20
C LEU B 110 -4.99 -26.07 3.58
N LEU B 111 -6.08 -26.34 2.87
CA LEU B 111 -6.90 -27.59 3.05
C LEU B 111 -7.18 -28.13 1.69
N PRO B 112 -7.64 -29.39 1.64
CA PRO B 112 -8.15 -29.85 0.33
C PRO B 112 -9.18 -28.93 -0.39
N SER B 113 -10.08 -28.37 0.37
CA SER B 113 -11.07 -27.47 -0.18
C SER B 113 -10.53 -26.08 -0.56
N THR B 114 -9.31 -25.77 -0.15
CA THR B 114 -8.75 -24.46 -0.50
C THR B 114 -7.53 -24.54 -1.40
N THR B 115 -6.99 -25.73 -1.64
CA THR B 115 -5.91 -25.89 -2.55
C THR B 115 -6.38 -25.73 -4.02
N GLY B 116 -5.81 -24.78 -4.76
CA GLY B 116 -6.29 -24.46 -6.10
C GLY B 116 -7.73 -23.95 -6.04
N LEU B 117 -8.10 -23.27 -4.95
CA LEU B 117 -9.38 -22.52 -4.91
C LEU B 117 -9.52 -21.58 -6.14
N LEU B 118 -8.46 -20.81 -6.46
N LEU B 118 -8.45 -20.87 -6.48
CA LEU B 118 -8.35 -20.08 -7.73
CA LEU B 118 -8.37 -20.16 -7.71
C LEU B 118 -7.62 -20.93 -8.74
C LEU B 118 -7.64 -21.02 -8.71
N ASN B 119 -8.30 -21.28 -9.83
CA ASN B 119 -7.72 -22.22 -10.81
C ASN B 119 -8.18 -21.80 -12.19
N ASP B 120 -7.92 -22.61 -13.22
CA ASP B 120 -8.24 -22.20 -14.58
C ASP B 120 -9.74 -21.91 -14.70
N ASN B 121 -10.53 -22.80 -14.08
N ASN B 121 -10.57 -22.68 -14.03
CA ASN B 121 -11.99 -22.67 -14.06
CA ASN B 121 -12.01 -22.46 -14.19
C ASN B 121 -12.57 -21.43 -13.40
C ASN B 121 -12.46 -21.22 -13.50
N THR B 122 -12.02 -21.01 -12.27
CA THR B 122 -12.51 -19.92 -11.52
C THR B 122 -11.95 -18.64 -12.14
N PHE B 123 -10.71 -18.64 -12.67
CA PHE B 123 -10.21 -17.42 -13.39
C PHE B 123 -11.07 -17.16 -14.62
N ALA B 124 -11.55 -18.23 -15.26
CA ALA B 124 -12.43 -18.02 -16.38
C ALA B 124 -13.82 -17.40 -16.03
N GLN B 125 -14.25 -17.53 -14.78
CA GLN B 125 -15.46 -16.86 -14.27
C GLN B 125 -15.24 -15.38 -13.78
N CYS B 126 -13.98 -14.96 -13.68
CA CYS B 126 -13.66 -13.61 -13.18
C CYS B 126 -13.86 -12.58 -14.25
N LYS B 127 -13.91 -11.33 -13.80
CA LYS B 127 -14.01 -10.22 -14.68
C LYS B 127 -12.63 -10.19 -15.37
N LYS B 128 -12.60 -9.91 -16.67
CA LYS B 128 -11.30 -9.69 -17.37
C LYS B 128 -10.52 -8.53 -16.73
N GLY B 129 -9.26 -8.75 -16.40
CA GLY B 129 -8.47 -7.73 -15.68
C GLY B 129 -8.47 -7.85 -14.19
N VAL B 130 -9.00 -8.94 -13.64
CA VAL B 130 -8.99 -9.11 -12.19
C VAL B 130 -7.57 -9.10 -11.59
N ARG B 131 -7.43 -8.51 -10.41
CA ARG B 131 -6.15 -8.50 -9.71
C ARG B 131 -6.27 -9.38 -8.47
N VAL B 132 -5.24 -10.17 -8.18
N VAL B 132 -5.29 -10.27 -8.23
CA VAL B 132 -5.33 -11.17 -7.16
CA VAL B 132 -5.39 -11.16 -7.08
C VAL B 132 -4.21 -11.07 -6.13
C VAL B 132 -4.21 -11.06 -6.12
N VAL B 133 -4.54 -11.25 -4.85
CA VAL B 133 -3.55 -11.20 -3.77
C VAL B 133 -3.56 -12.59 -3.04
N ASN B 134 -2.33 -13.12 -2.73
CA ASN B 134 -2.17 -14.21 -1.79
C ASN B 134 -1.07 -13.95 -0.79
N CYS B 135 -1.48 -13.56 0.39
CA CYS B 135 -0.63 -13.40 1.52
C CYS B 135 -0.93 -14.39 2.62
N ALA B 136 -1.58 -15.51 2.22
CA ALA B 136 -2.05 -16.51 3.17
C ALA B 136 -1.22 -17.85 3.21
N ARG B 137 -1.34 -18.64 2.17
CA ARG B 137 -0.64 -19.94 2.07
C ARG B 137 -0.42 -20.24 0.63
N GLY B 138 0.79 -20.75 0.34
CA GLY B 138 1.17 -21.01 -1.01
C GLY B 138 0.31 -22.20 -1.48
N GLY B 139 -0.31 -22.03 -2.65
CA GLY B 139 -1.11 -23.12 -3.21
C GLY B 139 -2.60 -22.88 -3.22
N ILE B 140 -3.07 -21.91 -2.47
CA ILE B 140 -4.48 -21.56 -2.52
C ILE B 140 -4.80 -21.12 -3.94
N VAL B 141 -3.89 -20.30 -4.51
CA VAL B 141 -3.97 -19.88 -5.88
C VAL B 141 -3.12 -20.90 -6.67
N ASP B 142 -3.74 -21.57 -7.64
CA ASP B 142 -2.96 -22.50 -8.52
C ASP B 142 -2.00 -21.70 -9.37
N GLU B 143 -0.72 -21.99 -9.19
CA GLU B 143 0.35 -21.17 -9.73
C GLU B 143 0.38 -21.25 -11.24
N GLY B 144 0.13 -22.45 -11.81
CA GLY B 144 0.12 -22.55 -13.25
C GLY B 144 -1.08 -21.84 -13.85
N ALA B 145 -2.25 -21.96 -13.22
CA ALA B 145 -3.45 -21.24 -13.71
C ALA B 145 -3.24 -19.74 -13.63
N LEU B 146 -2.61 -19.30 -12.56
CA LEU B 146 -2.32 -17.87 -12.41
C LEU B 146 -1.43 -17.36 -13.52
N LEU B 147 -0.34 -18.08 -13.75
CA LEU B 147 0.54 -17.72 -14.85
C LEU B 147 -0.20 -17.63 -16.19
N ARG B 148 -0.99 -18.65 -16.52
CA ARG B 148 -1.79 -18.60 -17.76
C ARG B 148 -2.74 -17.41 -17.78
N ALA B 149 -3.38 -17.08 -16.66
CA ALA B 149 -4.28 -15.88 -16.62
C ALA B 149 -3.56 -14.58 -16.82
N LEU B 150 -2.36 -14.47 -16.24
CA LEU B 150 -1.48 -13.30 -16.47
C LEU B 150 -1.03 -13.22 -17.91
N GLN B 151 -0.68 -14.36 -18.54
CA GLN B 151 -0.27 -14.35 -19.93
C GLN B 151 -1.37 -13.97 -20.92
N SER B 152 -2.61 -14.32 -20.63
CA SER B 152 -3.73 -13.93 -21.47
C SER B 152 -4.31 -12.56 -21.18
N GLY B 153 -4.03 -12.02 -19.99
CA GLY B 153 -4.64 -10.77 -19.57
C GLY B 153 -5.96 -10.95 -18.85
N GLN B 154 -6.43 -12.19 -18.71
CA GLN B 154 -7.57 -12.45 -17.78
C GLN B 154 -7.31 -11.92 -16.36
N CYS B 155 -6.08 -12.11 -15.90
CA CYS B 155 -5.58 -11.51 -14.65
C CYS B 155 -4.63 -10.36 -15.02
N ALA B 156 -4.89 -9.11 -14.55
CA ALA B 156 -4.03 -7.99 -14.88
C ALA B 156 -2.84 -7.84 -13.97
N GLY B 157 -2.86 -8.54 -12.85
CA GLY B 157 -1.74 -8.52 -11.94
C GLY B 157 -1.96 -9.32 -10.68
N ALA B 158 -0.86 -9.71 -10.03
CA ALA B 158 -0.93 -10.47 -8.84
C ALA B 158 0.15 -10.11 -7.85
N ALA B 159 -0.20 -10.23 -6.59
CA ALA B 159 0.71 -10.02 -5.50
C ALA B 159 0.85 -11.26 -4.68
N LEU B 160 2.07 -11.82 -4.57
CA LEU B 160 2.28 -13.05 -3.83
C LEU B 160 3.32 -12.98 -2.72
N ASP B 161 2.93 -13.29 -1.49
CA ASP B 161 3.82 -13.39 -0.34
C ASP B 161 4.24 -14.80 -0.06
N VAL B 162 3.49 -15.74 -0.67
CA VAL B 162 3.65 -17.16 -0.41
C VAL B 162 3.67 -17.99 -1.71
N PHE B 163 4.37 -19.15 -1.65
CA PHE B 163 4.56 -20.00 -2.79
C PHE B 163 4.43 -21.46 -2.37
N THR B 164 4.09 -22.31 -3.34
CA THR B 164 4.00 -23.79 -3.13
C THR B 164 5.36 -24.36 -2.65
N GLU B 165 6.45 -23.82 -3.17
CA GLU B 165 7.78 -24.06 -2.64
C GLU B 165 8.46 -22.79 -2.27
N GLU B 166 9.20 -22.81 -1.16
CA GLU B 166 9.83 -21.59 -0.65
C GLU B 166 11.27 -21.82 -0.26
N PRO B 167 12.22 -21.10 -0.86
CA PRO B 167 11.97 -20.19 -2.03
C PRO B 167 11.51 -20.89 -3.25
N PRO B 168 10.80 -20.18 -4.15
CA PRO B 168 10.23 -20.89 -5.28
C PRO B 168 11.27 -21.29 -6.30
N ARG B 169 11.20 -22.56 -6.70
CA ARG B 169 12.07 -23.13 -7.68
C ARG B 169 11.65 -22.60 -9.07
N ASP B 170 10.34 -22.63 -9.36
CA ASP B 170 9.79 -22.07 -10.58
C ASP B 170 9.76 -20.54 -10.46
N ARG B 171 10.17 -19.90 -11.54
CA ARG B 171 10.53 -18.49 -11.58
C ARG B 171 9.59 -17.64 -12.47
N ALA B 172 8.78 -18.34 -13.24
CA ALA B 172 7.89 -17.75 -14.26
C ALA B 172 6.96 -16.68 -13.70
N LEU B 173 6.36 -17.00 -12.56
CA LEU B 173 5.44 -16.11 -11.88
C LEU B 173 6.15 -14.88 -11.33
N VAL B 174 7.19 -15.12 -10.51
CA VAL B 174 8.01 -14.06 -9.92
C VAL B 174 8.51 -13.09 -10.98
N ASP B 175 9.00 -13.67 -12.06
CA ASP B 175 9.60 -12.88 -13.13
C ASP B 175 8.60 -12.11 -13.99
N HIS B 176 7.30 -12.36 -13.86
CA HIS B 176 6.30 -11.71 -14.75
C HIS B 176 6.17 -10.24 -14.35
N GLU B 177 6.07 -9.35 -15.36
CA GLU B 177 6.05 -7.88 -15.15
C GLU B 177 4.88 -7.43 -14.29
N ASN B 178 3.78 -8.18 -14.32
CA ASN B 178 2.56 -7.81 -13.55
C ASN B 178 2.44 -8.52 -12.21
N VAL B 179 3.52 -9.19 -11.77
CA VAL B 179 3.54 -9.85 -10.49
C VAL B 179 4.47 -9.08 -9.55
N ILE B 180 3.94 -8.79 -8.37
CA ILE B 180 4.69 -8.27 -7.27
C ILE B 180 4.82 -9.31 -6.19
N SER B 181 5.92 -9.33 -5.46
CA SER B 181 6.17 -10.38 -4.52
C SER B 181 7.10 -10.05 -3.40
N CYS B 182 6.97 -10.79 -2.34
CA CYS B 182 7.77 -10.67 -1.13
C CYS B 182 8.19 -12.09 -0.67
N PRO B 183 9.30 -12.22 0.05
CA PRO B 183 9.73 -13.53 0.53
C PRO B 183 9.04 -13.90 1.82
N HIS B 184 7.72 -14.12 1.75
CA HIS B 184 6.99 -14.57 2.94
C HIS B 184 7.19 -13.65 4.14
N LEU B 185 6.93 -12.37 3.86
CA LEU B 185 6.99 -11.33 4.91
C LEU B 185 5.75 -11.05 5.78
N GLY B 186 4.64 -11.76 5.60
CA GLY B 186 3.40 -11.52 6.36
C GLY B 186 3.49 -11.24 7.88
N ALA B 187 4.28 -12.00 8.61
CA ALA B 187 4.46 -11.86 10.06
C ALA B 187 5.74 -11.10 10.42
N SER B 188 6.42 -10.59 9.41
CA SER B 188 7.79 -10.10 9.62
C SER B 188 7.73 -8.58 9.96
N THR B 189 7.25 -8.30 11.17
CA THR B 189 7.33 -6.95 11.77
C THR B 189 7.99 -7.08 13.13
N LYS B 190 8.54 -5.97 13.59
CA LYS B 190 9.21 -5.93 14.89
C LYS B 190 8.17 -6.26 15.97
N GLU B 191 6.98 -5.71 15.80
CA GLU B 191 5.86 -5.79 16.73
C GLU B 191 5.30 -7.24 16.85
N ALA B 192 5.04 -7.86 15.69
CA ALA B 192 4.60 -9.25 15.68
C ALA B 192 5.68 -10.11 16.36
N GLN B 193 6.96 -9.84 16.07
CA GLN B 193 8.05 -10.70 16.58
C GLN B 193 8.23 -10.56 18.08
N SER B 194 8.37 -9.30 18.51
CA SER B 194 8.75 -8.96 19.89
C SER B 194 7.42 -8.69 20.52
N ARG B 195 6.80 -9.73 21.05
CA ARG B 195 5.59 -9.62 21.87
C ARG B 195 5.74 -8.64 23.05
C4 8NB C . -0.12 24.59 4.45
C5 8NB C . 1.01 24.56 5.25
C6 8NB C . 1.86 25.65 5.30
C7 8NB C . 3.53 26.65 6.73
C8 8NB C . -2.14 26.55 2.05
C9 8NB C . -3.37 26.07 1.31
N1 8NB C . -1.61 25.66 2.93
C3 8NB C . -0.42 25.73 3.69
C1 8NB C . 1.57 26.78 4.54
C2 8NB C . 0.44 26.82 3.75
O1 8NB C . 2.95 25.51 6.11
CL1 8NB C . 1.35 23.12 6.18
O2 8NB C . -1.67 27.68 1.85
C4 8NB D . -12.30 -20.84 4.70
C5 8NB D . -12.69 -20.96 3.39
C6 8NB D . -12.78 -22.19 2.76
C7 8NB D . -13.36 -23.39 0.72
C8 8NB D . -11.25 -22.72 7.73
C9 8NB D . -10.67 -22.17 9.00
N1 8NB D . -11.58 -21.79 6.80
C3 8NB D . -11.99 -21.97 5.45
C1 8NB D . -12.45 -23.32 3.51
C2 8NB D . -12.06 -23.21 4.82
O1 8NB D . -13.17 -22.16 1.44
CL1 8NB D . -13.13 -19.52 2.48
O2 8NB D . -11.41 -23.95 7.57
#